data_3R2P
#
_entry.id   3R2P
#
_cell.length_a   108.333
_cell.length_b   30.178
_cell.length_c   69.576
_cell.angle_alpha   90.00
_cell.angle_beta   90.00
_cell.angle_gamma   90.00
#
_symmetry.space_group_name_H-M   'P 21 21 2'
#
loop_
_entity.id
_entity.type
_entity.pdbx_description
1 polymer 'Apolipoprotein A-I'
2 water water
#
_entity_poly.entity_id   1
_entity_poly.type   'polypeptide(L)'
_entity_poly.pdbx_seq_one_letter_code
;GDEPPQSPWDRVKDLATVYVDVLKDSGRDYVSQFEGSALGKQLNLKLLDNWDSVTSTFSKLREQLGPVTQEFWDNLEKET
EGLRQEMSKDLEEVKAKVQPYLDDFQKKWQEEMELYRQKVEPLRAELQEGARQKLHELQEKLSPLGEEMRDRARAHVDAL
RTHLAPYSDELRQRLAARLEALKEN
;
_entity_poly.pdbx_strand_id   A
#
# COMPACT_ATOMS: atom_id res chain seq x y z
N PRO A 4 -25.16 19.08 22.39
CA PRO A 4 -25.12 17.64 22.14
C PRO A 4 -24.41 16.90 23.27
N PRO A 5 -25.15 16.13 24.07
CA PRO A 5 -24.55 15.28 25.11
C PRO A 5 -24.01 13.95 24.54
N GLN A 6 -23.21 13.29 25.35
CA GLN A 6 -22.52 12.07 24.94
C GLN A 6 -23.18 10.90 25.65
N SER A 7 -23.47 9.83 24.91
CA SER A 7 -24.14 8.66 25.47
C SER A 7 -23.28 7.99 26.53
N PRO A 8 -23.87 7.64 27.67
CA PRO A 8 -23.05 6.91 28.64
C PRO A 8 -22.66 5.52 28.12
N TRP A 9 -23.42 5.01 27.16
CA TRP A 9 -23.16 3.70 26.60
C TRP A 9 -21.81 3.63 25.87
N ASP A 10 -21.19 4.78 25.64
CA ASP A 10 -19.86 4.82 25.00
C ASP A 10 -18.87 4.08 25.86
N ARG A 11 -19.08 4.12 27.18
CA ARG A 11 -18.22 3.38 28.08
C ARG A 11 -18.33 1.87 27.88
N VAL A 12 -19.52 1.39 27.55
CA VAL A 12 -19.72 -0.02 27.33
C VAL A 12 -19.15 -0.38 25.97
N LYS A 13 -19.33 0.51 25.02
CA LYS A 13 -18.77 0.33 23.71
C LYS A 13 -17.24 0.20 23.80
N ASP A 14 -16.63 1.07 24.60
CA ASP A 14 -15.18 0.98 24.77
C ASP A 14 -14.77 -0.36 25.38
N LEU A 15 -15.51 -0.85 26.35
CA LEU A 15 -15.17 -2.13 26.94
C LEU A 15 -15.32 -3.27 25.93
N ALA A 16 -16.29 -3.17 25.04
CA ALA A 16 -16.48 -4.22 24.02
C ALA A 16 -15.32 -4.27 23.03
N THR A 17 -14.87 -3.08 22.62
CA THR A 17 -13.81 -2.95 21.65
C THR A 17 -12.49 -3.45 22.24
N VAL A 18 -12.18 -2.93 23.42
CA VAL A 18 -10.92 -3.20 24.09
C VAL A 18 -10.75 -4.65 24.55
N TYR A 19 -11.82 -5.32 24.95
CA TYR A 19 -11.73 -6.60 25.65
C TYR A 19 -12.46 -7.76 24.97
N VAL A 20 -13.18 -7.48 23.89
CA VAL A 20 -13.85 -8.54 23.15
C VAL A 20 -13.43 -8.56 21.67
N ASP A 21 -13.71 -7.47 20.96
CA ASP A 21 -13.47 -7.37 19.52
C ASP A 21 -11.97 -7.38 19.18
N VAL A 22 -11.12 -7.16 20.17
CA VAL A 22 -9.68 -7.19 19.92
C VAL A 22 -9.28 -8.57 19.36
N LEU A 23 -9.98 -9.62 19.80
CA LEU A 23 -9.67 -11.00 19.41
C LEU A 23 -9.86 -11.22 17.92
N LYS A 24 -11.04 -10.91 17.41
CA LYS A 24 -11.28 -11.02 15.98
C LYS A 24 -10.49 -9.99 15.17
N ASP A 25 -10.26 -8.79 15.72
CA ASP A 25 -9.44 -7.79 15.03
C ASP A 25 -8.00 -8.28 14.81
N SER A 26 -7.45 -8.97 15.80
CA SER A 26 -6.13 -9.52 15.67
C SER A 26 -6.21 -10.56 14.54
N GLY A 27 -7.24 -11.40 14.59
CA GLY A 27 -7.51 -12.34 13.51
C GLY A 27 -7.46 -11.65 12.16
N ARG A 28 -8.11 -10.51 12.07
CA ARG A 28 -8.19 -9.76 10.82
C ARG A 28 -6.80 -9.30 10.40
N ASP A 29 -5.97 -8.93 11.37
CA ASP A 29 -4.62 -8.43 11.12
C ASP A 29 -3.69 -9.54 10.56
N TYR A 30 -3.82 -10.75 11.09
CA TYR A 30 -3.13 -11.92 10.54
C TYR A 30 -3.54 -12.16 9.10
N VAL A 31 -4.82 -11.95 8.79
CA VAL A 31 -5.32 -12.14 7.42
C VAL A 31 -4.77 -11.07 6.49
N SER A 32 -4.77 -9.82 6.96
CA SER A 32 -4.19 -8.70 6.21
C SER A 32 -2.74 -8.96 5.84
N GLN A 33 -2.00 -9.60 6.74
CA GLN A 33 -0.58 -9.85 6.50
C GLN A 33 -0.43 -10.80 5.30
N PHE A 34 -1.35 -11.74 5.18
CA PHE A 34 -1.42 -12.66 4.06
C PHE A 34 -1.77 -11.89 2.78
N GLU A 35 -2.90 -11.21 2.81
CA GLU A 35 -3.39 -10.37 1.72
C GLU A 35 -2.37 -9.37 1.25
N GLY A 36 -1.61 -8.82 2.21
CA GLY A 36 -0.67 -7.76 1.92
C GLY A 36 0.72 -8.24 1.56
N SER A 37 0.99 -9.53 1.67
CA SER A 37 2.32 -10.06 1.35
C SER A 37 2.65 -9.87 -0.13
N ALA A 38 3.93 -9.94 -0.47
CA ALA A 38 4.34 -9.70 -1.85
C ALA A 38 3.65 -10.68 -2.80
N LEU A 39 3.46 -11.90 -2.33
CA LEU A 39 2.83 -12.93 -3.13
C LEU A 39 1.30 -12.83 -3.07
N GLY A 40 0.77 -12.42 -1.91
CA GLY A 40 -0.67 -12.26 -1.75
C GLY A 40 -1.18 -11.15 -2.65
N LYS A 41 -0.35 -10.16 -2.89
CA LYS A 41 -0.73 -9.02 -3.74
C LYS A 41 -0.65 -9.49 -5.17
N GLN A 42 0.37 -10.28 -5.45
CA GLN A 42 0.51 -10.92 -6.76
C GLN A 42 -0.82 -11.55 -7.18
N LEU A 43 -1.44 -12.29 -6.26
CA LEU A 43 -2.70 -12.97 -6.53
C LEU A 43 -3.93 -12.07 -6.38
N ASN A 44 -3.71 -10.84 -5.94
CA ASN A 44 -4.80 -9.91 -5.60
C ASN A 44 -5.86 -10.51 -4.67
N LEU A 45 -5.41 -11.03 -3.53
CA LEU A 45 -6.32 -11.65 -2.58
C LEU A 45 -7.23 -10.63 -1.88
N LYS A 46 -8.54 -10.86 -1.97
CA LYS A 46 -9.55 -10.12 -1.22
C LYS A 46 -10.32 -11.11 -0.35
N LEU A 47 -10.04 -11.14 0.95
CA LEU A 47 -10.42 -12.29 1.77
C LEU A 47 -11.28 -11.97 2.99
N LEU A 48 -11.57 -10.70 3.21
CA LEU A 48 -12.20 -10.28 4.45
C LEU A 48 -13.68 -9.87 4.32
N ASP A 49 -14.29 -10.20 3.18
CA ASP A 49 -15.73 -10.03 3.02
C ASP A 49 -16.46 -10.92 4.01
N ASN A 50 -17.44 -10.36 4.69
CA ASN A 50 -18.27 -11.15 5.62
C ASN A 50 -17.51 -11.61 6.87
N TRP A 51 -16.30 -11.10 7.04
CA TRP A 51 -15.51 -11.37 8.22
C TRP A 51 -16.24 -10.87 9.45
N ASP A 52 -16.67 -9.61 9.40
CA ASP A 52 -17.44 -9.04 10.48
C ASP A 52 -18.85 -9.63 10.49
N SER A 53 -19.30 -10.02 11.68
CA SER A 53 -20.70 -10.38 11.86
C SER A 53 -21.55 -9.11 11.75
N VAL A 54 -22.82 -9.27 11.38
CA VAL A 54 -23.75 -8.15 11.18
C VAL A 54 -24.04 -7.37 12.48
N THR A 55 -24.34 -8.10 13.54
CA THR A 55 -24.57 -7.49 14.85
C THR A 55 -23.29 -7.36 15.67
N SER A 56 -22.95 -6.15 16.09
CA SER A 56 -21.71 -5.90 16.83
C SER A 56 -21.80 -6.42 18.26
N THR A 57 -20.65 -6.61 18.88
CA THR A 57 -20.58 -7.02 20.27
C THR A 57 -21.28 -5.96 21.13
N PHE A 58 -21.02 -4.69 20.81
CA PHE A 58 -21.67 -3.60 21.55
C PHE A 58 -23.19 -3.73 21.51
N SER A 59 -23.75 -3.93 20.32
CA SER A 59 -25.20 -4.06 20.21
C SER A 59 -25.71 -5.25 21.01
N LYS A 60 -24.95 -6.34 21.04
CA LYS A 60 -25.39 -7.54 21.73
C LYS A 60 -25.35 -7.33 23.24
N LEU A 61 -24.47 -6.44 23.68
CA LEU A 61 -24.34 -6.15 25.11
C LEU A 61 -25.48 -5.23 25.55
N ARG A 62 -25.78 -4.22 24.74
CA ARG A 62 -26.79 -3.25 25.13
C ARG A 62 -28.15 -3.93 25.09
N GLU A 63 -28.33 -4.72 24.04
CA GLU A 63 -29.53 -5.52 23.85
C GLU A 63 -29.77 -6.44 25.05
N GLN A 64 -28.69 -7.00 25.60
CA GLN A 64 -28.78 -7.92 26.73
C GLN A 64 -29.00 -7.24 28.08
N LEU A 65 -28.16 -6.25 28.35
CA LEU A 65 -28.28 -5.49 29.58
C LEU A 65 -29.65 -4.82 29.66
N GLY A 66 -30.24 -4.54 28.50
CA GLY A 66 -31.45 -3.75 28.43
C GLY A 66 -31.19 -2.33 28.90
N PRO A 67 -32.25 -1.60 29.28
CA PRO A 67 -32.10 -0.24 29.79
C PRO A 67 -31.49 -0.25 31.19
N VAL A 68 -30.62 0.73 31.49
CA VAL A 68 -30.02 0.85 32.82
C VAL A 68 -30.28 2.22 33.45
N THR A 69 -30.05 2.33 34.76
CA THR A 69 -30.24 3.58 35.51
C THR A 69 -28.94 4.35 35.67
N GLN A 70 -29.02 5.52 36.31
CA GLN A 70 -27.84 6.31 36.59
C GLN A 70 -27.02 5.58 37.67
N GLU A 71 -27.70 4.79 38.49
CA GLU A 71 -27.01 3.99 39.50
C GLU A 71 -26.02 3.05 38.81
N PHE A 72 -26.44 2.48 37.68
CA PHE A 72 -25.56 1.60 36.90
C PHE A 72 -24.29 2.35 36.50
N TRP A 73 -24.45 3.52 35.88
CA TRP A 73 -23.29 4.31 35.42
C TRP A 73 -22.38 4.78 36.56
N ASP A 74 -22.97 5.10 37.71
CA ASP A 74 -22.19 5.46 38.89
C ASP A 74 -21.48 4.23 39.45
N ASN A 75 -22.13 3.08 39.41
CA ASN A 75 -21.51 1.82 39.83
C ASN A 75 -20.42 1.38 38.88
N LEU A 76 -20.63 1.61 37.59
CA LEU A 76 -19.63 1.27 36.58
C LEU A 76 -18.39 2.15 36.75
N GLU A 77 -18.60 3.42 37.10
CA GLU A 77 -17.50 4.34 37.27
C GLU A 77 -16.75 4.01 38.56
N LYS A 78 -17.45 3.36 39.49
CA LYS A 78 -16.86 2.96 40.75
C LYS A 78 -15.98 1.73 40.53
N GLU A 79 -16.46 0.80 39.72
CA GLU A 79 -15.77 -0.46 39.50
C GLU A 79 -14.86 -0.51 38.27
N THR A 80 -14.71 0.58 37.56
CA THR A 80 -14.00 0.53 36.32
C THR A 80 -12.58 -0.03 36.35
N GLU A 81 -11.79 0.41 37.30
CA GLU A 81 -10.42 -0.07 37.37
C GLU A 81 -10.32 -1.55 37.76
N GLY A 82 -11.17 -1.97 38.69
CA GLY A 82 -11.21 -3.37 39.09
C GLY A 82 -11.83 -4.26 38.03
N LEU A 83 -12.72 -3.72 37.21
CA LEU A 83 -13.31 -4.49 36.13
C LEU A 83 -12.33 -4.59 34.96
N ARG A 84 -11.60 -3.52 34.69
CA ARG A 84 -10.55 -3.52 33.67
C ARG A 84 -9.49 -4.58 33.99
N GLN A 85 -8.98 -4.58 35.22
CA GLN A 85 -8.03 -5.60 35.64
C GLN A 85 -8.55 -7.03 35.41
N GLU A 86 -9.79 -7.30 35.80
CA GLU A 86 -10.32 -8.65 35.75
C GLU A 86 -10.68 -9.07 34.33
N MET A 87 -11.13 -8.11 33.53
CA MET A 87 -11.42 -8.33 32.13
C MET A 87 -10.14 -8.57 31.35
N SER A 88 -9.09 -7.84 31.71
CA SER A 88 -7.77 -8.00 31.10
C SER A 88 -7.13 -9.38 31.31
N LYS A 89 -7.44 -10.06 32.40
CA LYS A 89 -6.91 -11.40 32.64
C LYS A 89 -7.75 -12.48 31.95
N ASP A 90 -9.05 -12.22 31.80
CA ASP A 90 -9.90 -13.09 30.99
C ASP A 90 -9.43 -13.03 29.54
N LEU A 91 -9.15 -11.81 29.06
CA LEU A 91 -8.71 -11.60 27.70
C LEU A 91 -7.39 -12.33 27.41
N GLU A 92 -6.47 -12.31 28.36
CA GLU A 92 -5.19 -13.00 28.17
C GLU A 92 -5.34 -14.52 28.20
N GLU A 93 -6.22 -15.02 29.07
CA GLU A 93 -6.52 -16.45 29.13
C GLU A 93 -7.14 -16.94 27.83
N VAL A 94 -7.91 -16.08 27.16
CA VAL A 94 -8.47 -16.45 25.86
C VAL A 94 -7.44 -16.25 24.74
N LYS A 95 -6.75 -15.12 24.75
CA LYS A 95 -5.70 -14.90 23.77
C LYS A 95 -4.78 -16.12 23.71
N ALA A 96 -4.47 -16.69 24.86
CA ALA A 96 -3.60 -17.85 24.93
C ALA A 96 -4.25 -19.04 24.22
N LYS A 97 -5.48 -19.34 24.58
CA LYS A 97 -6.22 -20.43 23.96
C LYS A 97 -6.29 -20.35 22.42
N VAL A 98 -6.29 -19.15 21.90
CA VAL A 98 -6.51 -18.90 20.51
C VAL A 98 -5.24 -18.70 19.71
N GLN A 99 -4.13 -18.45 20.37
CA GLN A 99 -2.88 -18.11 19.70
C GLN A 99 -2.39 -19.20 18.73
N PRO A 100 -2.56 -20.50 19.09
CA PRO A 100 -2.09 -21.56 18.18
C PRO A 100 -2.79 -21.51 16.82
N TYR A 101 -4.10 -21.24 16.81
CA TYR A 101 -4.83 -21.05 15.57
C TYR A 101 -4.21 -19.96 14.70
N LEU A 102 -3.87 -18.83 15.33
CA LEU A 102 -3.28 -17.71 14.61
C LEU A 102 -1.87 -18.06 14.12
N ASP A 103 -1.09 -18.70 14.98
CA ASP A 103 0.22 -19.21 14.62
C ASP A 103 0.12 -20.20 13.44
N ASP A 104 -0.76 -21.18 13.55
CA ASP A 104 -0.90 -22.17 12.49
C ASP A 104 -1.38 -21.51 11.19
N PHE A 105 -2.26 -20.52 11.29
CA PHE A 105 -2.72 -19.84 10.07
C PHE A 105 -1.57 -19.09 9.36
N GLN A 106 -0.69 -18.50 10.15
CA GLN A 106 0.32 -17.63 9.62
C GLN A 106 1.34 -18.51 8.90
N LYS A 107 1.72 -19.59 9.57
CA LYS A 107 2.65 -20.58 9.04
C LYS A 107 2.10 -21.25 7.78
N LYS A 108 0.79 -21.51 7.77
CA LYS A 108 0.20 -22.23 6.63
C LYS A 108 0.14 -21.36 5.36
N TRP A 109 -0.23 -20.08 5.48
CA TRP A 109 -0.34 -19.29 4.25
C TRP A 109 1.04 -18.96 3.69
N GLN A 110 2.04 -18.91 4.56
CA GLN A 110 3.41 -18.73 4.13
C GLN A 110 3.89 -19.99 3.42
N GLU A 111 3.63 -21.15 4.03
CA GLU A 111 3.89 -22.41 3.34
C GLU A 111 3.24 -22.38 1.95
N GLU A 112 1.96 -22.01 1.89
CA GLU A 112 1.25 -21.96 0.61
C GLU A 112 1.94 -21.04 -0.40
N MET A 113 2.31 -19.85 0.06
CA MET A 113 2.97 -18.88 -0.84
C MET A 113 4.34 -19.33 -1.35
N GLU A 114 5.10 -19.98 -0.48
CA GLU A 114 6.41 -20.51 -0.82
C GLU A 114 6.26 -21.60 -1.88
N LEU A 115 5.33 -22.51 -1.63
CA LEU A 115 5.08 -23.60 -2.55
C LEU A 115 4.65 -23.06 -3.92
N TYR A 116 3.93 -21.95 -3.92
CA TYR A 116 3.58 -21.24 -5.15
C TYR A 116 4.76 -20.46 -5.75
N ARG A 117 5.63 -19.92 -4.91
CA ARG A 117 6.81 -19.22 -5.41
C ARG A 117 7.71 -20.21 -6.17
N GLN A 118 7.87 -21.40 -5.62
CA GLN A 118 8.68 -22.45 -6.26
C GLN A 118 8.20 -22.82 -7.66
N LYS A 119 6.88 -22.85 -7.86
CA LYS A 119 6.33 -23.22 -9.17
C LYS A 119 6.45 -22.07 -10.16
N VAL A 120 6.54 -20.85 -9.65
CA VAL A 120 6.45 -19.65 -10.47
C VAL A 120 7.76 -18.91 -10.68
N GLU A 121 8.45 -18.58 -9.59
CA GLU A 121 9.68 -17.78 -9.64
C GLU A 121 10.75 -18.28 -10.62
N PRO A 122 10.95 -19.62 -10.70
CA PRO A 122 11.93 -20.18 -11.64
C PRO A 122 11.62 -19.86 -13.11
N LEU A 123 10.38 -20.11 -13.52
CA LEU A 123 9.96 -19.88 -14.89
C LEU A 123 10.05 -18.41 -15.24
N ARG A 124 9.75 -17.58 -14.24
CA ARG A 124 9.78 -16.12 -14.37
C ARG A 124 11.22 -15.63 -14.42
N ALA A 125 12.04 -16.16 -13.53
CA ALA A 125 13.47 -15.84 -13.57
C ALA A 125 14.04 -16.14 -14.95
N GLU A 126 13.89 -17.39 -15.41
CA GLU A 126 14.36 -17.80 -16.73
C GLU A 126 14.08 -16.78 -17.82
N LEU A 127 12.79 -16.50 -18.03
CA LEU A 127 12.36 -15.56 -19.07
C LEU A 127 13.01 -14.19 -18.89
N GLN A 128 13.08 -13.74 -17.65
CA GLN A 128 13.75 -12.48 -17.32
C GLN A 128 15.25 -12.53 -17.62
N GLU A 129 15.86 -13.69 -17.41
CA GLU A 129 17.29 -13.87 -17.68
C GLU A 129 17.54 -13.78 -19.19
N GLY A 130 16.87 -14.63 -19.95
CA GLY A 130 17.02 -14.68 -21.40
C GLY A 130 16.66 -13.37 -22.07
N ALA A 131 15.58 -12.74 -21.62
CA ALA A 131 15.20 -11.43 -22.10
C ALA A 131 16.34 -10.43 -21.84
N ARG A 132 16.99 -10.59 -20.69
CA ARG A 132 18.11 -9.72 -20.34
C ARG A 132 19.31 -9.99 -21.23
N GLN A 133 19.60 -11.27 -21.45
CA GLN A 133 20.77 -11.70 -22.21
C GLN A 133 20.60 -11.42 -23.71
N LYS A 134 19.36 -11.33 -24.17
CA LYS A 134 19.08 -11.00 -25.57
C LYS A 134 19.09 -9.49 -25.77
N LEU A 135 18.80 -8.76 -24.70
CA LEU A 135 18.84 -7.30 -24.71
C LEU A 135 20.26 -6.82 -24.53
N HIS A 136 21.05 -7.56 -23.76
CA HIS A 136 22.47 -7.27 -23.59
C HIS A 136 23.16 -7.45 -24.93
N GLU A 137 22.58 -8.30 -25.76
CA GLU A 137 23.13 -8.64 -27.06
C GLU A 137 22.68 -7.63 -28.10
N LEU A 138 21.91 -6.63 -27.67
CA LEU A 138 21.29 -5.71 -28.61
C LEU A 138 21.61 -4.25 -28.31
N GLN A 139 22.06 -3.99 -27.09
CA GLN A 139 22.44 -2.64 -26.69
C GLN A 139 23.90 -2.40 -27.07
N GLU A 140 24.49 -3.39 -27.73
CA GLU A 140 25.88 -3.32 -28.16
C GLU A 140 25.94 -3.14 -29.66
N LYS A 141 24.90 -3.60 -30.34
CA LYS A 141 24.84 -3.51 -31.78
C LYS A 141 24.36 -2.14 -32.21
N LEU A 142 23.47 -1.56 -31.41
CA LEU A 142 22.92 -0.23 -31.70
C LEU A 142 23.74 0.85 -30.99
N SER A 143 24.75 0.44 -30.23
CA SER A 143 25.59 1.37 -29.49
C SER A 143 26.45 2.24 -30.40
N PRO A 144 27.22 1.62 -31.31
CA PRO A 144 27.96 2.44 -32.26
C PRO A 144 27.05 3.18 -33.23
N LEU A 145 25.87 2.62 -33.49
CA LEU A 145 24.89 3.24 -34.39
C LEU A 145 24.39 4.57 -33.82
N GLY A 146 24.25 4.61 -32.50
CA GLY A 146 23.84 5.82 -31.80
C GLY A 146 24.83 6.96 -31.82
N GLU A 147 26.10 6.65 -31.57
CA GLU A 147 27.12 7.70 -31.52
C GLU A 147 27.44 8.22 -32.91
N GLU A 148 27.01 7.47 -33.92
CA GLU A 148 27.19 7.87 -35.30
C GLU A 148 26.08 8.85 -35.70
N MET A 149 24.83 8.49 -35.38
CA MET A 149 23.68 9.35 -35.67
C MET A 149 23.84 10.69 -34.98
N ARG A 150 24.35 10.66 -33.75
CA ARG A 150 24.57 11.89 -33.00
C ARG A 150 25.62 12.77 -33.68
N ASP A 151 26.71 12.16 -34.14
CA ASP A 151 27.73 12.91 -34.85
C ASP A 151 27.17 13.52 -36.14
N ARG A 152 26.33 12.77 -36.83
CA ARG A 152 25.79 13.28 -38.07
C ARG A 152 24.76 14.37 -37.76
N ALA A 153 23.95 14.13 -36.75
CA ALA A 153 22.93 15.10 -36.36
C ALA A 153 23.61 16.42 -36.04
N ARG A 154 24.67 16.38 -35.23
CA ARG A 154 25.45 17.58 -34.90
C ARG A 154 26.05 18.26 -36.12
N ALA A 155 26.56 17.47 -37.06
CA ALA A 155 27.09 18.00 -38.31
C ALA A 155 25.97 18.68 -39.14
N HIS A 156 24.82 18.03 -39.26
CA HIS A 156 23.69 18.62 -39.98
C HIS A 156 23.21 19.95 -39.38
N VAL A 157 23.19 20.05 -38.05
CA VAL A 157 22.70 21.27 -37.39
C VAL A 157 23.71 22.42 -37.54
N ASP A 158 24.99 22.13 -37.39
CA ASP A 158 26.04 23.09 -37.64
C ASP A 158 26.06 23.56 -39.09
N ALA A 159 25.67 22.70 -40.02
CA ALA A 159 25.59 23.12 -41.40
C ALA A 159 24.44 24.11 -41.57
N LEU A 160 23.30 23.81 -40.97
CA LEU A 160 22.14 24.67 -41.12
C LEU A 160 22.44 26.02 -40.47
N ARG A 161 22.99 25.98 -39.27
CA ARG A 161 23.26 27.21 -38.54
C ARG A 161 24.15 28.09 -39.39
N THR A 162 25.09 27.45 -40.06
CA THR A 162 26.05 28.14 -40.92
C THR A 162 25.42 28.69 -42.21
N HIS A 163 24.56 27.90 -42.84
CA HIS A 163 23.86 28.32 -44.05
C HIS A 163 22.96 29.54 -43.80
N LEU A 164 22.35 29.60 -42.61
CA LEU A 164 21.41 30.66 -42.29
C LEU A 164 22.10 31.99 -41.92
N ALA A 165 23.33 31.92 -41.42
CA ALA A 165 24.02 33.10 -40.91
C ALA A 165 24.04 34.30 -41.88
N PRO A 166 24.52 34.10 -43.12
CA PRO A 166 24.58 35.23 -44.06
C PRO A 166 23.21 35.86 -44.39
N TYR A 167 22.14 35.10 -44.23
CA TYR A 167 20.80 35.65 -44.49
C TYR A 167 20.26 36.50 -43.34
N SER A 168 20.61 36.11 -42.12
CA SER A 168 20.30 36.89 -40.94
C SER A 168 21.10 38.19 -40.93
N ASP A 169 22.33 38.14 -41.44
CA ASP A 169 23.14 39.35 -41.56
C ASP A 169 22.55 40.31 -42.58
N GLU A 170 22.05 39.77 -43.68
CA GLU A 170 21.44 40.58 -44.72
C GLU A 170 20.18 41.28 -44.23
N LEU A 171 19.38 40.57 -43.44
CA LEU A 171 18.19 41.16 -42.85
C LEU A 171 18.56 42.24 -41.86
N ARG A 172 19.54 41.95 -41.00
CA ARG A 172 19.96 42.93 -39.99
C ARG A 172 20.49 44.18 -40.66
N GLN A 173 21.10 44.02 -41.83
CA GLN A 173 21.71 45.13 -42.53
C GLN A 173 20.66 45.98 -43.25
N ARG A 174 19.60 45.33 -43.72
CA ARG A 174 18.49 46.05 -44.34
C ARG A 174 17.67 46.84 -43.31
N LEU A 175 17.51 46.28 -42.11
CA LEU A 175 16.86 46.99 -41.03
C LEU A 175 17.71 48.19 -40.58
N ALA A 176 18.98 47.94 -40.28
CA ALA A 176 19.91 49.00 -39.90
C ALA A 176 19.86 50.17 -40.88
N ALA A 177 19.82 49.87 -42.17
CA ALA A 177 19.83 50.94 -43.17
C ALA A 177 18.52 51.71 -43.23
N ARG A 178 17.40 51.03 -42.99
CA ARG A 178 16.10 51.68 -42.91
C ARG A 178 15.99 52.56 -41.64
N LEU A 179 16.59 52.10 -40.56
CA LEU A 179 16.61 52.87 -39.32
C LEU A 179 17.51 54.10 -39.43
N GLU A 180 18.67 53.96 -40.06
CA GLU A 180 19.59 55.07 -40.30
C GLU A 180 18.92 56.19 -41.09
N ALA A 181 17.92 55.83 -41.89
CA ALA A 181 17.21 56.80 -42.71
C ALA A 181 16.25 57.67 -41.89
N LEU A 182 16.07 57.33 -40.63
CA LEU A 182 15.16 58.09 -39.76
C LEU A 182 15.94 59.13 -38.95
N LYS A 183 17.25 59.15 -39.13
CA LYS A 183 18.08 60.15 -38.50
C LYS A 183 17.97 61.47 -39.26
#